data_5YNB
#
_entry.id   5YNB
#
_cell.length_a   66.325
_cell.length_b   70.206
_cell.length_c   119.198
_cell.angle_alpha   90.00
_cell.angle_beta   90.00
_cell.angle_gamma   90.00
#
_symmetry.space_group_name_H-M   'P 21 2 21'
#
loop_
_entity.id
_entity.type
_entity.pdbx_description
1 polymer 'nsp16 protein'
2 polymer 'nsp10 protein'
3 non-polymer SINEFUNGIN
4 non-polymer 'ZINC ION'
5 water water
#
loop_
_entity_poly.entity_id
_entity_poly.type
_entity_poly.pdbx_seq_one_letter_code
_entity_poly.pdbx_strand_id
1 'polypeptide(L)'
;ASADWKPGHAMPSLFKVQNVNLERCELANYKQSIPMPRGVHMNIAKYMQLCQYLNTCTLAVPANMRVIHFGAGSDKGIAP
GTSVLRQWLPTDAIIIDNDLNEFVSDADITLFGDCVTVRVGQQVDLVISDMYDPTTKNVTGSNESKALFFTYLCNLINNN
LALGGSVAIKITEHSWSVELYELMGKFAWWTVFCTNANASSSEGFLLGINYLGTIKENIDGGAMHANYIFWRNSTPMNLS
TYSLFDLSKFQLKLKGTPVLQLKESQINELVISLLSQGKLLIRDNDTLSVSTDVLVNTYRKLR
;
A
2 'polypeptide(L)'
;AGSNTEFASNSSVLSLVNFTVDPQKAYLDFVNAGGAPLTNCVKMLTPKTGTGIAISVKPESTADQETYGGASVCLYCRAH
IEHPDVSGVCKYKGKFVQIPAQCVRDPVGFCLSNTPCNVCQYWIGYGCNCDSLRQAALPQ
;
B
#
# COMPACT_ATOMS: atom_id res chain seq x y z
N ALA A 1 15.99 22.70 5.99
CA ALA A 1 15.86 21.29 6.34
C ALA A 1 15.68 20.41 5.10
N SER A 2 16.76 19.79 4.65
CA SER A 2 16.65 18.86 3.54
C SER A 2 15.81 17.65 3.92
N ALA A 3 15.84 17.25 5.19
CA ALA A 3 15.04 16.12 5.61
C ALA A 3 13.55 16.40 5.47
N ASP A 4 13.14 17.67 5.48
CA ASP A 4 11.75 18.02 5.17
C ASP A 4 11.36 17.48 3.80
N TRP A 5 12.29 17.52 2.84
CA TRP A 5 12.01 17.15 1.46
C TRP A 5 12.24 15.68 1.16
N LYS A 6 12.88 14.96 2.04
CA LYS A 6 12.97 13.51 1.95
C LYS A 6 11.65 12.88 2.38
N PRO A 7 11.35 11.65 1.94
CA PRO A 7 10.06 11.03 2.32
C PRO A 7 9.99 10.64 3.79
N GLY A 8 11.12 10.58 4.49
CA GLY A 8 11.15 10.10 5.86
C GLY A 8 12.59 9.88 6.30
N HIS A 9 12.73 9.19 7.45
CA HIS A 9 14.02 8.92 8.07
C HIS A 9 14.19 7.41 8.22
N ALA A 10 15.42 6.93 7.99
CA ALA A 10 15.76 5.52 8.10
C ALA A 10 16.77 5.32 9.22
N MET A 11 16.53 4.32 10.04
CA MET A 11 17.36 4.04 11.20
C MET A 11 18.80 3.82 10.77
N PRO A 12 19.77 4.59 11.27
CA PRO A 12 21.14 4.43 10.80
C PRO A 12 21.89 3.39 11.63
N SER A 13 22.98 2.89 11.04
CA SER A 13 23.80 1.93 11.76
C SER A 13 24.33 2.53 13.07
N LEU A 14 24.46 3.86 13.12
CA LEU A 14 24.86 4.52 14.37
C LEU A 14 24.02 4.03 15.54
N PHE A 15 22.72 3.81 15.31
CA PHE A 15 21.87 3.33 16.39
C PHE A 15 21.67 1.82 16.38
N LYS A 16 21.82 1.16 15.23
CA LYS A 16 21.73 -0.29 15.21
C LYS A 16 22.78 -0.95 16.11
N VAL A 17 23.95 -0.31 16.29
CA VAL A 17 25.05 -0.93 17.03
C VAL A 17 25.06 -0.57 18.52
N GLN A 18 24.02 0.09 19.00
CA GLN A 18 24.01 0.47 20.40
C GLN A 18 23.61 -0.72 21.26
N ASN A 19 23.78 -0.57 22.57
CA ASN A 19 23.45 -1.59 23.55
C ASN A 19 22.80 -0.87 24.72
N VAL A 20 21.47 -0.84 24.75
CA VAL A 20 20.74 -0.05 25.72
C VAL A 20 19.50 -0.81 26.15
N ASN A 21 18.96 -0.41 27.29
CA ASN A 21 17.68 -0.93 27.74
C ASN A 21 16.54 -0.35 26.92
N LEU A 22 15.46 -1.12 26.83
CA LEU A 22 14.25 -0.60 26.19
C LEU A 22 13.60 0.46 27.07
N GLU A 23 13.48 1.67 26.57
CA GLU A 23 12.85 2.77 27.32
C GLU A 23 11.51 3.13 26.68
N ARG A 24 10.74 3.94 27.40
CA ARG A 24 9.51 4.48 26.81
C ARG A 24 9.86 5.39 25.65
N CYS A 25 8.99 5.41 24.65
CA CYS A 25 9.18 6.29 23.49
C CYS A 25 8.56 7.65 23.82
N GLU A 26 9.36 8.71 23.71
CA GLU A 26 8.92 10.07 24.04
C GLU A 26 9.17 10.95 22.82
N LEU A 27 8.10 11.30 22.11
CA LEU A 27 8.22 12.08 20.88
C LEU A 27 7.70 13.49 21.14
N ALA A 28 8.53 14.49 20.81
CA ALA A 28 8.21 15.88 21.17
C ALA A 28 6.99 16.40 20.43
N ASN A 29 6.74 15.93 19.21
CA ASN A 29 5.58 16.40 18.46
C ASN A 29 4.38 15.48 18.56
N TYR A 30 4.32 14.64 19.59
CA TYR A 30 3.18 13.76 19.79
C TYR A 30 1.89 14.57 19.87
N LYS A 31 0.79 13.94 19.46
CA LYS A 31 -0.55 14.51 19.37
C LYS A 31 -0.66 15.59 18.29
N GLN A 32 0.33 15.71 17.42
CA GLN A 32 0.27 16.61 16.28
C GLN A 32 0.03 15.81 15.00
N SER A 33 -0.64 16.44 14.05
CA SER A 33 -1.05 15.78 12.81
C SER A 33 -0.76 16.68 11.62
N ILE A 34 -0.16 16.10 10.58
CA ILE A 34 0.03 16.83 9.33
C ILE A 34 -1.31 17.08 8.66
N PRO A 35 -1.55 18.29 8.16
CA PRO A 35 -2.79 18.51 7.39
C PRO A 35 -2.71 17.83 6.03
N MET A 36 -3.89 17.49 5.51
CA MET A 36 -3.92 16.93 4.17
C MET A 36 -4.72 17.84 3.25
N PRO A 37 -4.36 17.90 1.97
CA PRO A 37 -5.26 18.52 0.98
C PRO A 37 -6.64 17.91 1.06
N ARG A 38 -7.67 18.75 0.92
CA ARG A 38 -9.06 18.31 1.07
C ARG A 38 -9.31 17.03 0.26
N GLY A 39 -9.94 16.05 0.92
CA GLY A 39 -10.27 14.79 0.29
C GLY A 39 -9.18 13.74 0.25
N VAL A 40 -7.98 14.02 0.76
CA VAL A 40 -6.87 13.07 0.69
C VAL A 40 -6.67 12.45 2.07
N HIS A 41 -6.81 11.13 2.15
CA HIS A 41 -6.59 10.41 3.40
C HIS A 41 -5.10 10.45 3.77
N MET A 42 -4.80 10.59 5.06
CA MET A 42 -3.40 10.64 5.50
C MET A 42 -2.63 9.42 5.03
N ASN A 43 -3.25 8.24 5.04
CA ASN A 43 -2.53 7.06 4.59
C ASN A 43 -2.11 7.15 3.13
N ILE A 44 -2.67 8.09 2.35
CA ILE A 44 -2.13 8.30 1.02
C ILE A 44 -0.70 8.83 1.09
N ALA A 45 -0.47 9.88 1.89
CA ALA A 45 0.87 10.41 2.03
C ALA A 45 1.80 9.39 2.66
N LYS A 46 1.31 8.63 3.64
CA LYS A 46 2.16 7.68 4.34
C LYS A 46 2.65 6.60 3.39
N TYR A 47 1.73 6.02 2.62
CA TYR A 47 2.12 4.99 1.67
C TYR A 47 2.99 5.55 0.54
N MET A 48 2.66 6.74 0.04
CA MET A 48 3.48 7.32 -1.02
C MET A 48 4.92 7.49 -0.54
N GLN A 49 5.10 8.00 0.69
CA GLN A 49 6.44 8.21 1.21
C GLN A 49 7.17 6.89 1.43
N LEU A 50 6.45 5.84 1.85
CA LEU A 50 7.07 4.52 1.93
C LEU A 50 7.54 4.06 0.54
N CYS A 51 6.67 4.22 -0.47
CA CYS A 51 7.06 3.84 -1.83
C CYS A 51 8.24 4.68 -2.31
N GLN A 52 8.25 5.98 -1.99
CA GLN A 52 9.36 6.84 -2.36
C GLN A 52 10.68 6.35 -1.74
N TYR A 53 10.66 5.92 -0.49
CA TYR A 53 11.89 5.39 0.07
C TYR A 53 12.28 4.08 -0.59
N LEU A 54 11.31 3.23 -0.87
CA LEU A 54 11.61 1.97 -1.54
C LEU A 54 12.15 2.19 -2.95
N ASN A 55 11.77 3.30 -3.59
CA ASN A 55 12.37 3.69 -4.86
C ASN A 55 13.87 3.89 -4.75
N THR A 56 14.39 4.17 -3.56
CA THR A 56 15.83 4.32 -3.40
C THR A 56 16.50 3.02 -3.00
N CYS A 57 15.75 1.95 -2.76
CA CYS A 57 16.27 0.64 -2.39
C CYS A 57 16.37 -0.25 -3.63
N THR A 58 17.21 -1.29 -3.53
CA THR A 58 17.43 -2.20 -4.66
C THR A 58 16.33 -3.27 -4.71
N LEU A 59 15.09 -2.79 -4.86
CA LEU A 59 13.97 -3.71 -4.97
C LEU A 59 14.04 -4.49 -6.27
N ALA A 60 13.73 -5.78 -6.19
CA ALA A 60 13.51 -6.58 -7.39
C ALA A 60 12.14 -6.27 -7.96
N VAL A 61 12.10 -5.94 -9.25
CA VAL A 61 10.85 -5.54 -9.91
C VAL A 61 10.71 -6.38 -11.18
N PRO A 62 10.15 -7.58 -11.09
CA PRO A 62 9.96 -8.41 -12.29
C PRO A 62 8.66 -8.06 -13.00
N ALA A 63 8.52 -8.63 -14.20
CA ALA A 63 7.20 -8.79 -14.81
C ALA A 63 6.32 -9.65 -13.90
N ASN A 64 5.00 -9.41 -13.98
CA ASN A 64 4.03 -10.17 -13.18
C ASN A 64 4.40 -10.19 -11.70
N MET A 65 4.79 -9.03 -11.18
CA MET A 65 5.35 -8.94 -9.85
C MET A 65 4.29 -9.26 -8.80
N ARG A 66 4.69 -10.08 -7.81
CA ARG A 66 3.76 -10.65 -6.83
C ARG A 66 3.82 -9.86 -5.53
N VAL A 67 2.78 -9.09 -5.25
CA VAL A 67 2.73 -8.20 -4.10
C VAL A 67 1.54 -8.59 -3.22
N ILE A 68 1.78 -8.77 -1.93
CA ILE A 68 0.70 -8.99 -0.98
C ILE A 68 0.70 -7.88 0.06
N HIS A 69 -0.48 -7.31 0.32
CA HIS A 69 -0.66 -6.15 1.20
C HIS A 69 -1.60 -6.55 2.34
N PHE A 70 -1.03 -6.80 3.52
CA PHE A 70 -1.82 -7.15 4.69
C PHE A 70 -2.22 -5.91 5.48
N GLY A 71 -3.39 -5.98 6.11
CA GLY A 71 -3.90 -4.84 6.85
C GLY A 71 -4.24 -3.70 5.92
N ALA A 72 -4.87 -4.01 4.79
CA ALA A 72 -5.17 -3.03 3.76
C ALA A 72 -6.46 -2.27 4.01
N GLY A 73 -7.29 -2.71 4.96
CA GLY A 73 -8.59 -2.09 5.15
C GLY A 73 -8.57 -0.99 6.18
N SER A 74 -9.68 -0.25 6.26
CA SER A 74 -9.83 0.80 7.25
C SER A 74 -11.25 0.76 7.76
N ASP A 75 -11.49 1.49 8.86
CA ASP A 75 -12.86 1.63 9.36
C ASP A 75 -13.79 2.28 8.36
N LYS A 76 -13.25 3.03 7.40
CA LYS A 76 -14.06 3.57 6.31
C LYS A 76 -14.42 2.52 5.27
N GLY A 77 -13.91 1.29 5.38
CA GLY A 77 -14.18 0.29 4.37
C GLY A 77 -13.51 0.53 3.03
N ILE A 78 -12.49 1.38 2.97
CA ILE A 78 -11.69 1.62 1.78
C ILE A 78 -10.23 1.26 2.09
N ALA A 79 -9.39 1.28 1.04
CA ALA A 79 -7.99 0.85 1.15
C ALA A 79 -7.10 1.83 0.41
N PRO A 80 -6.87 3.00 0.98
CA PRO A 80 -6.06 4.00 0.26
C PRO A 80 -4.66 3.48 -0.08
N GLY A 81 -4.03 2.73 0.83
CA GLY A 81 -2.70 2.19 0.57
C GLY A 81 -2.64 1.29 -0.67
N THR A 82 -3.62 0.42 -0.82
CA THR A 82 -3.69 -0.41 -2.03
C THR A 82 -3.76 0.44 -3.30
N SER A 83 -4.48 1.56 -3.26
CA SER A 83 -4.56 2.39 -4.46
C SER A 83 -3.21 3.06 -4.71
N VAL A 84 -2.51 3.48 -3.67
CA VAL A 84 -1.16 4.00 -3.86
C VAL A 84 -0.27 2.93 -4.47
N LEU A 85 -0.38 1.69 -3.98
CA LEU A 85 0.43 0.60 -4.53
C LEU A 85 0.11 0.40 -6.00
N ARG A 86 -1.16 0.52 -6.39
CA ARG A 86 -1.54 0.44 -7.79
C ARG A 86 -0.91 1.59 -8.60
N GLN A 87 -0.90 2.78 -8.04
CA GLN A 87 -0.27 3.91 -8.72
C GLN A 87 1.24 3.71 -8.84
N TRP A 88 1.83 3.04 -7.87
CA TRP A 88 3.30 2.94 -7.80
C TRP A 88 3.84 1.80 -8.66
N LEU A 89 3.24 0.64 -8.54
CA LEU A 89 3.72 -0.61 -9.10
C LEU A 89 3.53 -0.68 -10.61
N PRO A 90 4.28 -1.56 -11.28
CA PRO A 90 4.03 -1.80 -12.71
C PRO A 90 2.59 -2.21 -12.95
N THR A 91 2.10 -1.88 -14.15
CA THR A 91 0.70 -2.17 -14.47
C THR A 91 0.42 -3.67 -14.44
N ASP A 92 1.41 -4.51 -14.76
CA ASP A 92 1.22 -5.96 -14.75
C ASP A 92 1.53 -6.59 -13.39
N ALA A 93 1.86 -5.80 -12.37
CA ALA A 93 2.00 -6.35 -11.03
C ALA A 93 0.66 -6.90 -10.54
N ILE A 94 0.74 -7.98 -9.76
CA ILE A 94 -0.43 -8.61 -9.15
C ILE A 94 -0.50 -8.15 -7.71
N ILE A 95 -1.58 -7.48 -7.32
CA ILE A 95 -1.74 -7.01 -5.95
C ILE A 95 -2.81 -7.86 -5.28
N ILE A 96 -2.44 -8.50 -4.18
CA ILE A 96 -3.37 -9.21 -3.32
C ILE A 96 -3.41 -8.45 -2.00
N ASP A 97 -4.62 -8.13 -1.51
CA ASP A 97 -4.66 -7.47 -0.22
C ASP A 97 -5.66 -8.19 0.70
N ASN A 98 -5.58 -7.86 1.98
CA ASN A 98 -6.26 -8.64 3.00
C ASN A 98 -6.52 -7.74 4.20
N ASP A 99 -7.62 -8.01 4.88
CA ASP A 99 -7.88 -7.35 6.15
C ASP A 99 -8.89 -8.18 6.92
N LEU A 100 -8.83 -8.06 8.25
CA LEU A 100 -9.83 -8.72 9.08
C LEU A 100 -11.26 -8.30 8.70
N ASN A 101 -11.45 -7.06 8.26
CA ASN A 101 -12.81 -6.55 8.06
C ASN A 101 -13.05 -6.22 6.59
N GLU A 102 -14.33 -6.13 6.24
CA GLU A 102 -14.71 -5.93 4.86
C GLU A 102 -14.23 -4.57 4.37
N PHE A 103 -13.80 -4.53 3.11
CA PHE A 103 -13.42 -3.28 2.47
C PHE A 103 -13.49 -3.48 0.97
N VAL A 104 -13.38 -2.38 0.24
CA VAL A 104 -13.30 -2.43 -1.21
C VAL A 104 -12.00 -1.77 -1.66
N SER A 105 -11.36 -2.37 -2.64
CA SER A 105 -10.04 -1.93 -3.02
C SER A 105 -9.84 -2.13 -4.51
N ASP A 106 -8.75 -1.57 -5.00
CA ASP A 106 -8.31 -1.74 -6.38
C ASP A 106 -7.33 -2.89 -6.55
N ALA A 107 -7.24 -3.79 -5.56
CA ALA A 107 -6.34 -4.92 -5.71
C ALA A 107 -6.86 -5.87 -6.78
N ASP A 108 -5.99 -6.73 -7.28
CA ASP A 108 -6.45 -7.80 -8.17
C ASP A 108 -7.23 -8.86 -7.41
N ILE A 109 -6.79 -9.20 -6.21
CA ILE A 109 -7.48 -10.16 -5.36
C ILE A 109 -7.61 -9.56 -3.98
N THR A 110 -8.80 -9.65 -3.40
CA THR A 110 -9.02 -9.14 -2.05
C THR A 110 -9.59 -10.26 -1.18
N LEU A 111 -8.97 -10.48 -0.03
CA LEU A 111 -9.34 -11.56 0.88
C LEU A 111 -9.69 -10.96 2.23
N PHE A 112 -10.88 -11.28 2.73
CA PHE A 112 -11.30 -10.82 4.04
C PHE A 112 -10.94 -11.86 5.09
N GLY A 113 -10.68 -11.39 6.30
CA GLY A 113 -10.45 -12.26 7.43
C GLY A 113 -9.01 -12.15 7.94
N ASP A 114 -8.78 -12.83 9.06
CA ASP A 114 -7.46 -12.89 9.67
C ASP A 114 -6.43 -13.29 8.63
N CYS A 115 -5.30 -12.58 8.63
CA CYS A 115 -4.23 -12.89 7.67
C CYS A 115 -3.80 -14.35 7.73
N VAL A 116 -3.98 -15.01 8.88
CA VAL A 116 -3.63 -16.43 8.99
C VAL A 116 -4.48 -17.30 8.07
N THR A 117 -5.67 -16.83 7.67
CA THR A 117 -6.46 -17.55 6.68
C THR A 117 -5.94 -17.38 5.26
N VAL A 118 -4.94 -16.52 5.03
CA VAL A 118 -4.48 -16.23 3.67
C VAL A 118 -3.44 -17.27 3.26
N ARG A 119 -3.80 -18.10 2.29
CA ARG A 119 -2.93 -19.19 1.83
C ARG A 119 -2.14 -18.73 0.61
N VAL A 120 -0.82 -18.66 0.76
CA VAL A 120 0.10 -18.27 -0.30
C VAL A 120 0.60 -19.55 -0.95
N GLY A 121 0.08 -19.87 -2.13
CA GLY A 121 0.48 -21.11 -2.78
C GLY A 121 1.90 -21.06 -3.34
N GLN A 122 2.36 -19.87 -3.71
CA GLN A 122 3.65 -19.68 -4.36
C GLN A 122 4.35 -18.48 -3.74
N GLN A 123 5.68 -18.47 -3.82
CA GLN A 123 6.45 -17.39 -3.19
C GLN A 123 6.17 -16.05 -3.87
N VAL A 124 6.13 -15.00 -3.06
CA VAL A 124 5.84 -13.66 -3.54
C VAL A 124 7.11 -12.83 -3.52
N ASP A 125 7.01 -11.62 -4.07
CA ASP A 125 8.15 -10.76 -4.33
C ASP A 125 8.24 -9.58 -3.39
N LEU A 126 7.11 -9.12 -2.87
CA LEU A 126 7.08 -7.98 -1.96
C LEU A 126 5.90 -8.16 -1.02
N VAL A 127 6.15 -7.98 0.27
CA VAL A 127 5.10 -8.03 1.29
C VAL A 127 5.05 -6.67 1.95
N ILE A 128 3.86 -6.07 1.96
CA ILE A 128 3.58 -4.84 2.69
C ILE A 128 2.59 -5.18 3.79
N SER A 129 2.91 -4.81 5.02
CA SER A 129 1.96 -4.98 6.11
C SER A 129 1.76 -3.66 6.85
N ASP A 130 0.49 -3.24 6.98
CA ASP A 130 0.08 -2.17 7.87
C ASP A 130 -0.75 -2.71 9.02
N MET A 131 -0.66 -4.03 9.26
CA MET A 131 -1.48 -4.64 10.30
C MET A 131 -1.13 -4.05 11.65
N TYR A 132 -2.16 -3.74 12.43
CA TYR A 132 -2.02 -3.14 13.74
C TYR A 132 -3.23 -3.54 14.56
N ASP A 133 -3.00 -4.02 15.79
CA ASP A 133 -4.08 -4.43 16.68
C ASP A 133 -4.19 -3.43 17.83
N PRO A 134 -5.20 -2.56 17.83
CA PRO A 134 -5.27 -1.51 18.87
C PRO A 134 -5.51 -2.03 20.27
N THR A 135 -5.88 -3.29 20.46
CA THR A 135 -6.17 -3.81 21.79
C THR A 135 -4.89 -4.06 22.58
N GLY A 141 1.35 -3.82 31.30
CA GLY A 141 2.38 -3.01 31.94
C GLY A 141 3.71 -2.98 31.20
N SER A 142 4.31 -4.14 31.01
CA SER A 142 5.60 -4.23 30.35
C SER A 142 5.41 -4.18 28.83
N ASN A 143 6.49 -3.88 28.12
CA ASN A 143 6.47 -3.86 26.66
C ASN A 143 7.36 -5.01 26.21
N GLU A 144 6.74 -6.19 26.08
CA GLU A 144 7.44 -7.39 25.65
C GLU A 144 7.10 -7.68 24.19
N SER A 145 7.87 -8.58 23.60
CA SER A 145 7.66 -8.94 22.19
C SER A 145 6.24 -9.45 21.99
N LYS A 146 5.62 -9.07 20.88
CA LYS A 146 4.24 -9.46 20.62
C LYS A 146 4.19 -10.63 19.63
N ALA A 147 3.13 -11.41 19.73
CA ALA A 147 2.86 -12.49 18.79
C ALA A 147 1.90 -12.02 17.71
N LEU A 148 0.59 -12.19 17.91
CA LEU A 148 -0.40 -11.57 17.02
C LEU A 148 -0.17 -12.06 15.58
N PHE A 149 -0.26 -11.17 14.58
CA PHE A 149 0.03 -11.50 13.20
C PHE A 149 1.53 -11.65 12.92
N PHE A 150 2.39 -11.34 13.89
CA PHE A 150 3.82 -11.44 13.60
C PHE A 150 4.25 -12.89 13.44
N THR A 151 3.62 -13.83 14.13
CA THR A 151 3.98 -15.23 13.94
C THR A 151 3.75 -15.65 12.49
N TYR A 152 2.58 -15.28 11.95
CA TYR A 152 2.28 -15.57 10.55
C TYR A 152 3.29 -14.90 9.62
N LEU A 153 3.63 -13.64 9.86
CA LEU A 153 4.53 -12.94 8.94
C LEU A 153 5.93 -13.55 8.98
N CYS A 154 6.39 -13.93 10.16
CA CYS A 154 7.72 -14.54 10.26
C CYS A 154 7.78 -15.83 9.47
N ASN A 155 6.74 -16.66 9.58
CA ASN A 155 6.72 -17.89 8.81
C ASN A 155 6.65 -17.62 7.32
N LEU A 156 5.86 -16.62 6.92
CA LEU A 156 5.80 -16.28 5.51
C LEU A 156 7.20 -15.96 4.96
N ILE A 157 7.97 -15.18 5.71
CA ILE A 157 9.31 -14.81 5.25
C ILE A 157 10.18 -16.04 5.05
N ASN A 158 10.12 -16.98 6.00
CA ASN A 158 10.95 -18.16 5.92
C ASN A 158 10.51 -19.14 4.83
N ASN A 159 9.29 -19.05 4.34
CA ASN A 159 8.78 -20.07 3.41
C ASN A 159 8.17 -19.52 2.12
N ASN A 160 7.50 -18.37 2.17
CA ASN A 160 6.73 -17.95 0.99
C ASN A 160 7.25 -16.66 0.38
N LEU A 161 8.51 -16.30 0.63
CA LEU A 161 9.10 -15.10 0.07
C LEU A 161 10.25 -15.51 -0.86
N ALA A 162 10.23 -15.00 -2.10
CA ALA A 162 11.28 -15.34 -3.04
C ALA A 162 12.63 -14.84 -2.54
N LEU A 163 13.68 -15.58 -2.85
CA LEU A 163 15.02 -15.02 -2.68
C LEU A 163 15.11 -13.78 -3.55
N GLY A 164 15.66 -12.70 -3.00
CA GLY A 164 15.65 -11.41 -3.67
C GLY A 164 14.42 -10.58 -3.36
N GLY A 165 13.39 -11.16 -2.75
CA GLY A 165 12.20 -10.43 -2.37
C GLY A 165 12.41 -9.52 -1.16
N SER A 166 11.42 -8.66 -0.92
CA SER A 166 11.54 -7.67 0.15
C SER A 166 10.24 -7.56 0.93
N VAL A 167 10.34 -6.98 2.13
CA VAL A 167 9.16 -6.79 2.98
C VAL A 167 9.22 -5.40 3.60
N ALA A 168 8.05 -4.86 3.92
CA ALA A 168 7.94 -3.60 4.65
C ALA A 168 6.80 -3.81 5.63
N ILE A 169 7.13 -3.92 6.92
CA ILE A 169 6.19 -4.37 7.92
C ILE A 169 6.06 -3.31 9.00
N LYS A 170 4.83 -2.81 9.21
CA LYS A 170 4.61 -1.77 10.19
C LYS A 170 4.78 -2.29 11.60
N ILE A 171 5.55 -1.54 12.41
CA ILE A 171 5.71 -1.76 13.83
C ILE A 171 5.49 -0.42 14.52
N THR A 172 5.38 -0.46 15.83
CA THR A 172 5.28 0.72 16.67
C THR A 172 6.07 0.44 17.94
N GLU A 173 6.01 1.37 18.88
CA GLU A 173 6.64 1.13 20.17
C GLU A 173 6.15 -0.17 20.81
N HIS A 174 4.84 -0.42 20.76
CA HIS A 174 4.28 -1.58 21.45
C HIS A 174 3.91 -2.73 20.52
N SER A 175 3.83 -2.50 19.22
CA SER A 175 3.49 -3.55 18.27
C SER A 175 4.76 -3.93 17.54
N TRP A 176 5.45 -4.96 18.05
CA TRP A 176 6.75 -5.35 17.49
C TRP A 176 7.03 -6.80 17.90
N SER A 177 8.12 -7.35 17.35
CA SER A 177 8.40 -8.79 17.46
C SER A 177 9.91 -9.02 17.44
N VAL A 178 10.45 -9.68 18.47
CA VAL A 178 11.87 -10.04 18.49
C VAL A 178 12.22 -10.84 17.24
N GLU A 179 11.39 -11.85 16.94
CA GLU A 179 11.69 -12.75 15.84
C GLU A 179 11.73 -12.02 14.51
N LEU A 180 10.83 -11.06 14.32
CA LEU A 180 10.83 -10.34 13.05
C LEU A 180 12.08 -9.47 12.90
N TYR A 181 12.52 -8.77 13.95
CA TYR A 181 13.81 -8.07 13.84
C TYR A 181 14.92 -9.03 13.45
N GLU A 182 14.96 -10.22 14.06
CA GLU A 182 16.07 -11.12 13.79
C GLU A 182 16.02 -11.63 12.35
N LEU A 183 14.82 -11.79 11.78
CA LEU A 183 14.71 -12.20 10.38
C LEU A 183 15.29 -11.16 9.43
N MET A 184 15.32 -9.90 9.84
CA MET A 184 15.94 -8.89 8.98
C MET A 184 17.40 -9.24 8.69
N GLY A 185 18.04 -10.02 9.57
CA GLY A 185 19.41 -10.45 9.35
C GLY A 185 19.57 -11.45 8.23
N LYS A 186 18.46 -11.89 7.64
CA LYS A 186 18.50 -12.81 6.51
C LYS A 186 18.27 -12.08 5.19
N PHE A 187 18.21 -10.74 5.20
CA PHE A 187 18.18 -9.94 3.99
C PHE A 187 19.55 -9.33 3.71
N ALA A 188 19.72 -8.87 2.48
CA ALA A 188 21.00 -8.24 2.16
C ALA A 188 21.16 -6.91 2.90
N TRP A 189 20.05 -6.26 3.23
CA TRP A 189 20.06 -4.96 3.87
C TRP A 189 18.74 -4.80 4.59
N TRP A 190 18.71 -3.99 5.64
CA TRP A 190 17.47 -3.75 6.37
C TRP A 190 17.55 -2.41 7.08
N THR A 191 16.39 -1.89 7.48
CA THR A 191 16.33 -0.68 8.29
C THR A 191 14.93 -0.61 8.88
N VAL A 192 14.70 0.45 9.68
CA VAL A 192 13.35 0.87 10.02
C VAL A 192 13.14 2.22 9.39
N PHE A 193 12.03 2.38 8.65
CA PHE A 193 11.73 3.61 7.95
C PHE A 193 10.48 4.27 8.54
N CYS A 194 10.62 5.55 8.90
CA CYS A 194 9.55 6.36 9.48
C CYS A 194 9.20 7.47 8.49
N THR A 195 7.93 7.52 8.07
CA THR A 195 7.52 8.55 7.13
C THR A 195 7.53 9.91 7.80
N ASN A 196 7.82 10.94 7.01
CA ASN A 196 7.62 12.28 7.52
C ASN A 196 6.14 12.57 7.78
N ALA A 197 5.24 11.94 7.02
CA ALA A 197 3.83 12.26 7.16
C ALA A 197 3.27 11.80 8.51
N ASN A 198 3.89 10.78 9.10
CA ASN A 198 3.46 10.25 10.39
C ASN A 198 4.61 10.29 11.39
N ALA A 199 5.45 11.34 11.30
CA ALA A 199 6.68 11.42 12.09
C ALA A 199 6.42 11.53 13.59
N SER A 200 5.26 12.02 14.00
CA SER A 200 4.96 12.15 15.43
C SER A 200 4.52 10.83 16.07
N SER A 201 4.46 9.74 15.31
CA SER A 201 4.06 8.45 15.86
C SER A 201 5.29 7.56 15.96
N SER A 202 5.30 6.66 16.95
CA SER A 202 6.36 5.67 17.08
C SER A 202 6.31 4.63 15.97
N GLU A 203 5.30 4.70 15.12
CA GLU A 203 5.25 3.86 13.92
C GLU A 203 6.58 3.89 13.18
N GLY A 204 6.97 2.71 12.67
CA GLY A 204 8.02 2.61 11.68
C GLY A 204 7.74 1.42 10.80
N PHE A 205 8.37 1.41 9.62
CA PHE A 205 8.27 0.27 8.71
C PHE A 205 9.59 -0.49 8.75
N LEU A 206 9.55 -1.70 9.29
CA LEU A 206 10.69 -2.59 9.29
C LEU A 206 10.89 -3.10 7.86
N LEU A 207 12.00 -2.71 7.22
CA LEU A 207 12.24 -3.07 5.84
C LEU A 207 13.30 -4.17 5.77
N GLY A 208 12.97 -5.25 5.08
CA GLY A 208 14.01 -6.20 4.71
C GLY A 208 14.15 -6.18 3.21
N ILE A 209 15.32 -5.81 2.68
CA ILE A 209 15.52 -5.63 1.25
C ILE A 209 16.41 -6.76 0.71
N ASN A 210 15.84 -7.58 -0.17
CA ASN A 210 16.50 -8.67 -0.91
C ASN A 210 16.75 -9.87 0.00
N TYR A 211 15.76 -10.73 0.08
CA TYR A 211 15.83 -11.89 0.96
C TYR A 211 16.92 -12.86 0.50
N LEU A 212 17.79 -13.27 1.44
CA LEU A 212 18.85 -14.22 1.11
C LEU A 212 18.64 -15.63 1.68
N GLY A 213 17.67 -15.85 2.57
CA GLY A 213 17.45 -17.20 3.08
C GLY A 213 18.56 -17.71 3.97
N THR A 214 19.48 -16.85 4.37
CA THR A 214 20.62 -17.27 5.18
C THR A 214 21.03 -16.04 5.97
N ILE A 215 21.68 -16.30 7.10
CA ILE A 215 21.97 -15.24 8.07
C ILE A 215 23.13 -14.42 7.56
N LYS A 216 22.87 -13.16 7.23
CA LYS A 216 23.94 -12.22 6.92
C LYS A 216 24.33 -11.41 8.16
N GLU A 217 23.39 -11.06 9.01
CA GLU A 217 23.68 -10.28 10.20
C GLU A 217 23.02 -10.92 11.41
N ASN A 218 23.79 -11.08 12.48
CA ASN A 218 23.29 -11.64 13.73
C ASN A 218 22.66 -10.50 14.53
N ILE A 219 21.37 -10.59 14.77
CA ILE A 219 20.62 -9.51 15.39
C ILE A 219 20.00 -10.06 16.67
N ASP A 220 20.15 -9.32 17.77
CA ASP A 220 19.40 -9.51 19.00
C ASP A 220 18.11 -8.68 18.88
N GLY A 221 16.98 -9.34 18.64
CA GLY A 221 15.78 -8.61 18.29
C GLY A 221 15.26 -7.70 19.38
N GLY A 222 15.30 -8.17 20.64
CA GLY A 222 14.87 -7.31 21.75
C GLY A 222 15.78 -6.11 21.96
N ALA A 223 17.08 -6.32 21.88
CA ALA A 223 18.01 -5.20 21.94
C ALA A 223 17.84 -4.27 20.74
N MET A 224 17.52 -4.81 19.56
CA MET A 224 17.37 -3.92 18.40
C MET A 224 16.13 -3.05 18.49
N HIS A 225 15.04 -3.56 19.09
CA HIS A 225 13.89 -2.69 19.31
C HIS A 225 14.20 -1.62 20.35
N ALA A 226 15.02 -1.94 21.37
CA ALA A 226 15.50 -0.90 22.27
C ALA A 226 16.30 0.16 21.51
N ASN A 227 17.12 -0.27 20.55
CA ASN A 227 17.89 0.70 19.74
C ASN A 227 16.96 1.53 18.86
N TYR A 228 15.89 0.92 18.35
CA TYR A 228 14.94 1.67 17.54
C TYR A 228 14.30 2.77 18.35
N ILE A 229 13.88 2.46 19.58
CA ILE A 229 13.27 3.49 20.43
C ILE A 229 14.31 4.52 20.85
N PHE A 230 15.53 4.08 21.13
CA PHE A 230 16.61 5.02 21.43
C PHE A 230 16.82 5.99 20.28
N TRP A 231 16.81 5.46 19.04
CA TRP A 231 16.90 6.33 17.85
C TRP A 231 15.75 7.32 17.78
N ARG A 232 14.50 6.83 17.92
CA ARG A 232 13.36 7.75 17.87
C ARG A 232 13.45 8.83 18.96
N ASN A 233 13.86 8.45 20.16
CA ASN A 233 13.98 9.42 21.24
C ASN A 233 15.09 10.44 20.99
N SER A 234 16.03 10.12 20.10
CA SER A 234 17.21 10.94 19.86
C SER A 234 17.09 11.85 18.64
N THR A 235 16.04 11.68 17.83
CA THR A 235 16.05 12.19 16.45
C THR A 235 14.85 13.08 16.18
N PRO A 236 15.04 14.40 16.16
CA PRO A 236 13.93 15.28 15.75
C PRO A 236 13.41 14.88 14.38
N MET A 237 12.09 14.75 14.27
CA MET A 237 11.46 14.53 12.98
C MET A 237 10.27 15.47 12.87
N ASN A 238 10.26 16.32 11.85
CA ASN A 238 9.15 17.25 11.65
C ASN A 238 8.13 16.66 10.68
N LEU A 239 6.86 16.89 10.99
CA LEU A 239 5.79 16.51 10.08
C LEU A 239 6.00 17.19 8.75
N SER A 240 5.83 16.45 7.67
CA SER A 240 6.10 17.04 6.37
C SER A 240 5.64 16.10 5.27
N THR A 241 5.25 16.70 4.16
CA THR A 241 5.00 15.94 2.94
C THR A 241 5.60 16.65 1.73
N TYR A 242 6.62 17.49 1.94
CA TYR A 242 7.25 18.19 0.83
C TYR A 242 7.76 17.22 -0.24
N SER A 243 8.20 16.03 0.17
CA SER A 243 8.64 15.02 -0.79
C SER A 243 7.56 14.71 -1.82
N LEU A 244 6.30 14.97 -1.50
CA LEU A 244 5.18 14.69 -2.39
C LEU A 244 4.91 15.83 -3.37
N PHE A 245 5.71 16.90 -3.32
CA PHE A 245 5.45 18.06 -4.17
C PHE A 245 5.77 17.76 -5.62
N ASP A 246 6.87 17.04 -5.88
CA ASP A 246 7.22 16.62 -7.22
C ASP A 246 7.10 15.10 -7.31
N LEU A 247 6.13 14.65 -8.10
CA LEU A 247 5.85 13.22 -8.27
C LEU A 247 6.17 12.73 -9.67
N SER A 248 7.05 13.43 -10.40
CA SER A 248 7.31 13.07 -11.78
C SER A 248 8.04 11.74 -11.90
N LYS A 249 8.75 11.32 -10.87
CA LYS A 249 9.44 10.02 -10.84
C LYS A 249 8.88 9.12 -9.75
N PHE A 250 7.58 9.24 -9.42
CA PHE A 250 7.08 8.47 -8.29
C PHE A 250 6.98 6.99 -8.61
N GLN A 251 6.62 6.62 -9.85
CA GLN A 251 6.36 5.22 -10.18
C GLN A 251 7.60 4.36 -10.02
N LEU A 252 7.39 3.11 -9.60
CA LEU A 252 8.49 2.18 -9.43
C LEU A 252 9.16 1.91 -10.78
N LYS A 253 10.49 1.88 -10.76
CA LYS A 253 11.24 1.70 -12.00
C LYS A 253 10.92 0.33 -12.61
N LEU A 254 10.74 0.29 -13.93
CA LEU A 254 10.44 -0.96 -14.62
C LEU A 254 11.73 -1.72 -14.88
N LYS A 255 12.25 -2.36 -13.83
CA LYS A 255 13.61 -2.92 -13.93
C LYS A 255 13.68 -4.19 -14.77
N GLY A 256 12.56 -4.88 -15.01
CA GLY A 256 12.59 -6.15 -15.73
C GLY A 256 13.41 -7.21 -15.03
N THR A 257 13.37 -7.23 -13.71
CA THR A 257 14.22 -8.14 -12.93
C THR A 257 13.93 -9.60 -13.31
N PRO A 258 14.96 -10.38 -13.66
CA PRO A 258 14.73 -11.78 -14.04
C PRO A 258 14.31 -12.67 -12.87
N VAL A 259 13.56 -13.72 -13.19
CA VAL A 259 13.14 -14.74 -12.23
C VAL A 259 13.74 -16.07 -12.68
N LEU A 260 14.54 -16.68 -11.81
CA LEU A 260 15.25 -17.91 -12.10
C LEU A 260 14.83 -18.99 -11.12
N GLN A 261 14.76 -20.23 -11.57
CA GLN A 261 14.63 -21.39 -10.69
C GLN A 261 16.01 -22.00 -10.53
N LEU A 262 16.46 -22.13 -9.28
CA LEU A 262 17.75 -22.72 -8.97
C LEU A 262 17.59 -23.64 -7.77
N LYS A 263 18.37 -24.71 -7.75
CA LYS A 263 18.48 -25.51 -6.55
C LYS A 263 19.44 -24.85 -5.57
N GLU A 264 19.29 -25.21 -4.30
CA GLU A 264 20.11 -24.63 -3.24
C GLU A 264 21.58 -24.83 -3.51
N SER A 265 21.96 -26.00 -4.03
CA SER A 265 23.35 -26.31 -4.31
C SER A 265 23.94 -25.48 -5.44
N GLN A 266 23.10 -24.89 -6.28
CA GLN A 266 23.60 -24.07 -7.37
C GLN A 266 23.82 -22.62 -6.97
N ILE A 267 23.39 -22.22 -5.78
CA ILE A 267 23.46 -20.82 -5.38
C ILE A 267 24.89 -20.54 -4.95
N ASN A 268 25.68 -19.94 -5.85
CA ASN A 268 27.07 -19.63 -5.57
C ASN A 268 27.22 -18.13 -5.30
N GLU A 269 28.48 -17.67 -5.26
CA GLU A 269 28.73 -16.28 -4.89
C GLU A 269 28.16 -15.30 -5.93
N LEU A 270 28.18 -15.66 -7.21
CA LEU A 270 27.54 -14.81 -8.22
C LEU A 270 26.06 -14.65 -7.91
N VAL A 271 25.38 -15.75 -7.60
CA VAL A 271 23.93 -15.66 -7.38
C VAL A 271 23.64 -14.81 -6.14
N ILE A 272 24.38 -15.05 -5.05
CA ILE A 272 24.22 -14.23 -3.84
C ILE A 272 24.42 -12.76 -4.18
N SER A 273 25.47 -12.47 -4.96
CA SER A 273 25.73 -11.10 -5.35
C SER A 273 24.58 -10.51 -6.15
N LEU A 274 24.01 -11.26 -7.10
CA LEU A 274 22.89 -10.73 -7.88
C LEU A 274 21.66 -10.51 -7.01
N LEU A 275 21.33 -11.47 -6.14
CA LEU A 275 20.23 -11.29 -5.18
C LEU A 275 20.44 -10.05 -4.34
N SER A 276 21.67 -9.83 -3.88
CA SER A 276 21.97 -8.73 -2.97
C SER A 276 21.94 -7.37 -3.65
N GLN A 277 22.14 -7.32 -4.96
CA GLN A 277 22.06 -6.07 -5.71
C GLN A 277 20.66 -5.77 -6.24
N GLY A 278 19.66 -6.58 -5.91
CA GLY A 278 18.34 -6.33 -6.45
C GLY A 278 18.19 -6.69 -7.91
N LYS A 279 19.03 -7.59 -8.40
CA LYS A 279 19.10 -7.91 -9.82
C LYS A 279 18.54 -9.28 -10.14
N LEU A 280 17.98 -9.99 -9.16
CA LEU A 280 17.54 -11.36 -9.40
C LEU A 280 16.49 -11.74 -8.37
N LEU A 281 15.54 -12.56 -8.81
CA LEU A 281 14.67 -13.29 -7.91
C LEU A 281 14.82 -14.78 -8.19
N ILE A 282 14.76 -15.59 -7.15
CA ILE A 282 14.67 -17.04 -7.31
C ILE A 282 13.36 -17.51 -6.70
N ARG A 283 12.53 -18.14 -7.54
CA ARG A 283 11.23 -18.68 -7.14
C ARG A 283 10.62 -19.34 -8.37
N ASP A 284 9.46 -19.99 -8.20
CA ASP A 284 8.74 -20.49 -9.36
C ASP A 284 8.29 -19.33 -10.24
N ASN A 285 8.01 -19.66 -11.51
CA ASN A 285 7.42 -18.71 -12.45
C ASN A 285 6.07 -19.16 -12.95
N ASP A 286 5.37 -20.04 -12.23
CA ASP A 286 4.01 -20.43 -12.58
C ASP A 286 3.06 -19.23 -12.41
N THR A 287 1.75 -19.49 -12.46
CA THR A 287 0.79 -18.45 -12.17
C THR A 287 0.43 -18.50 -10.69
N LEU A 288 0.28 -17.32 -10.09
CA LEU A 288 0.12 -17.22 -8.65
C LEU A 288 -1.28 -17.66 -8.22
N SER A 289 -1.33 -18.42 -7.12
CA SER A 289 -2.59 -18.86 -6.52
C SER A 289 -2.62 -18.40 -5.07
N VAL A 290 -3.60 -17.56 -4.75
CA VAL A 290 -3.77 -17.03 -3.41
C VAL A 290 -5.26 -17.13 -3.08
N SER A 291 -5.57 -17.69 -1.91
CA SER A 291 -6.95 -18.00 -1.58
C SER A 291 -7.12 -17.99 -0.07
N THR A 292 -8.37 -18.03 0.35
CA THR A 292 -8.74 -18.09 1.75
C THR A 292 -8.80 -19.55 2.18
N ASP A 293 -7.98 -19.90 3.16
CA ASP A 293 -8.04 -21.22 3.79
C ASP A 293 -9.09 -21.22 4.89
N VAL A 294 -9.74 -22.37 5.07
CA VAL A 294 -10.71 -22.57 6.15
C VAL A 294 -9.98 -23.24 7.31
N LEU A 295 -9.82 -22.52 8.42
CA LEU A 295 -8.92 -22.90 9.49
C LEU A 295 -9.64 -23.64 10.60
N VAL A 296 -8.83 -24.05 11.59
CA VAL A 296 -9.27 -24.68 12.84
C VAL A 296 -10.08 -25.94 12.57
N ASN B 10 -22.63 8.06 5.26
CA ASN B 10 -22.34 7.12 4.18
C ASN B 10 -23.19 5.87 4.36
N SER B 11 -23.23 5.37 5.60
CA SER B 11 -24.06 4.21 5.91
C SER B 11 -25.51 4.44 5.52
N SER B 12 -25.95 5.70 5.49
CA SER B 12 -27.30 6.06 5.11
C SER B 12 -27.55 5.78 3.63
N VAL B 13 -26.87 6.53 2.75
CA VAL B 13 -27.15 6.40 1.32
C VAL B 13 -26.75 5.02 0.82
N LEU B 14 -25.71 4.41 1.40
CA LEU B 14 -25.30 3.07 1.00
C LEU B 14 -26.37 2.04 1.32
N SER B 15 -26.96 2.10 2.51
CA SER B 15 -28.06 1.20 2.80
C SER B 15 -29.30 1.53 2.00
N LEU B 16 -29.44 2.80 1.58
CA LEU B 16 -30.61 3.22 0.81
C LEU B 16 -30.68 2.51 -0.53
N VAL B 17 -29.54 2.33 -1.19
CA VAL B 17 -29.53 1.69 -2.50
C VAL B 17 -29.63 0.19 -2.42
N ASN B 18 -29.75 -0.37 -1.21
CA ASN B 18 -30.13 -1.77 -1.01
C ASN B 18 -31.63 -1.97 -0.91
N PHE B 19 -32.41 -0.88 -0.96
CA PHE B 19 -33.87 -0.93 -0.85
C PHE B 19 -34.55 -0.67 -2.19
N THR B 20 -33.83 -0.87 -3.29
CA THR B 20 -34.30 -0.50 -4.61
C THR B 20 -33.76 -1.50 -5.64
N VAL B 21 -34.48 -1.57 -6.76
CA VAL B 21 -34.01 -2.32 -7.92
C VAL B 21 -33.20 -1.44 -8.87
N ASP B 22 -33.13 -0.14 -8.63
CA ASP B 22 -32.47 0.83 -9.51
C ASP B 22 -31.46 1.65 -8.69
N PRO B 23 -30.39 1.01 -8.22
CA PRO B 23 -29.42 1.74 -7.37
C PRO B 23 -28.92 3.04 -7.97
N GLN B 24 -28.68 3.06 -9.29
CA GLN B 24 -28.20 4.28 -9.94
C GLN B 24 -29.20 5.43 -9.74
N LYS B 25 -30.47 5.18 -10.06
CA LYS B 25 -31.47 6.24 -9.93
C LYS B 25 -31.67 6.60 -8.47
N ALA B 26 -31.64 5.60 -7.58
CA ALA B 26 -31.78 5.87 -6.16
C ALA B 26 -30.69 6.80 -5.67
N TYR B 27 -29.43 6.55 -6.07
CA TYR B 27 -28.35 7.42 -5.62
C TYR B 27 -28.49 8.82 -6.21
N LEU B 28 -28.73 8.90 -7.51
CA LEU B 28 -28.82 10.20 -8.18
C LEU B 28 -29.99 11.02 -7.64
N ASP B 29 -31.17 10.40 -7.53
CA ASP B 29 -32.32 11.08 -6.94
C ASP B 29 -32.00 11.59 -5.55
N PHE B 30 -31.29 10.79 -4.76
CA PHE B 30 -30.93 11.17 -3.40
C PHE B 30 -30.05 12.42 -3.39
N VAL B 31 -28.92 12.42 -4.11
CA VAL B 31 -28.08 13.62 -4.11
C VAL B 31 -28.75 14.76 -4.87
N ASN B 32 -29.58 14.47 -5.88
CA ASN B 32 -30.29 15.57 -6.53
C ASN B 32 -31.27 16.25 -5.60
N ALA B 33 -31.81 15.50 -4.63
CA ALA B 33 -32.73 16.07 -3.65
C ALA B 33 -32.01 16.77 -2.50
N GLY B 34 -30.68 16.87 -2.53
CA GLY B 34 -29.93 17.52 -1.49
C GLY B 34 -29.21 16.59 -0.52
N GLY B 35 -29.31 15.27 -0.71
CA GLY B 35 -28.63 14.36 0.18
C GLY B 35 -27.13 14.47 0.05
N ALA B 36 -26.43 14.13 1.14
CA ALA B 36 -24.97 14.24 1.13
C ALA B 36 -24.36 13.17 0.23
N PRO B 37 -23.50 13.54 -0.71
CA PRO B 37 -22.81 12.54 -1.53
C PRO B 37 -22.00 11.59 -0.67
N LEU B 38 -21.76 10.41 -1.23
CA LEU B 38 -20.90 9.46 -0.57
C LEU B 38 -19.51 10.06 -0.41
N THR B 39 -18.95 9.97 0.78
CA THR B 39 -17.63 10.49 1.06
C THR B 39 -16.62 9.36 1.04
N ASN B 40 -15.39 9.68 1.45
CA ASN B 40 -14.30 8.71 1.57
C ASN B 40 -13.88 8.12 0.22
N CYS B 41 -14.19 8.78 -0.89
CA CYS B 41 -13.59 8.37 -2.15
C CYS B 41 -12.08 8.54 -2.05
N VAL B 42 -11.33 7.64 -2.68
CA VAL B 42 -9.87 7.61 -2.51
C VAL B 42 -9.25 8.54 -3.54
N LYS B 43 -8.99 9.77 -3.13
CA LYS B 43 -8.41 10.80 -3.98
C LYS B 43 -6.88 10.67 -3.98
N MET B 44 -6.29 10.50 -5.16
CA MET B 44 -4.86 10.31 -5.33
C MET B 44 -4.12 11.66 -5.40
N LEU B 45 -2.82 11.63 -5.13
CA LEU B 45 -1.95 12.78 -5.43
C LEU B 45 -1.18 12.50 -6.71
N THR B 46 -1.24 13.43 -7.67
CA THR B 46 -0.73 13.16 -9.00
C THR B 46 -0.08 14.41 -9.57
N PRO B 47 0.89 14.25 -10.47
CA PRO B 47 1.33 15.40 -11.25
C PRO B 47 0.25 15.68 -12.28
N LYS B 48 -0.37 16.84 -12.16
CA LYS B 48 -1.43 17.17 -13.11
C LYS B 48 -0.89 17.26 -14.53
N THR B 49 -0.29 16.17 -15.02
CA THR B 49 0.31 16.13 -16.35
C THR B 49 -0.17 14.95 -17.19
N GLY B 50 -1.33 14.38 -16.86
CA GLY B 50 -1.82 13.21 -17.55
C GLY B 50 -2.52 13.55 -18.86
N THR B 51 -3.09 12.50 -19.48
CA THR B 51 -3.79 12.67 -20.75
C THR B 51 -5.20 13.20 -20.58
N GLY B 52 -5.83 12.95 -19.43
CA GLY B 52 -7.18 13.42 -19.21
C GLY B 52 -8.28 12.46 -19.61
N ILE B 53 -7.95 11.27 -20.11
CA ILE B 53 -8.96 10.26 -20.38
C ILE B 53 -9.70 9.88 -19.09
N ALA B 54 -10.88 9.26 -19.27
CA ALA B 54 -11.79 9.05 -18.15
C ALA B 54 -11.25 8.02 -17.17
N ILE B 55 -10.89 6.82 -17.66
CA ILE B 55 -10.48 5.67 -16.87
C ILE B 55 -9.15 5.17 -17.41
N SER B 56 -8.20 4.87 -16.52
CA SER B 56 -6.84 4.63 -16.96
C SER B 56 -6.11 3.72 -15.98
N VAL B 57 -5.05 3.07 -16.49
CA VAL B 57 -4.33 2.10 -15.67
C VAL B 57 -3.48 2.80 -14.62
N LYS B 58 -3.00 4.00 -14.93
CA LYS B 58 -2.32 4.87 -13.98
C LYS B 58 -3.01 6.23 -14.01
N PRO B 59 -2.80 7.04 -12.96
CA PRO B 59 -3.46 8.36 -12.92
C PRO B 59 -3.13 9.20 -14.14
N GLU B 60 -4.14 9.90 -14.66
CA GLU B 60 -3.96 10.70 -15.87
C GLU B 60 -4.65 12.06 -15.76
N SER B 61 -4.80 12.59 -14.55
CA SER B 61 -5.39 13.90 -14.38
C SER B 61 -4.57 14.98 -15.07
N THR B 62 -5.27 15.87 -15.77
CA THR B 62 -4.76 17.16 -16.19
C THR B 62 -4.92 18.15 -15.05
N ALA B 63 -4.51 19.41 -15.29
CA ALA B 63 -4.66 20.47 -14.31
C ALA B 63 -6.12 20.71 -13.92
N ASP B 64 -7.08 20.29 -14.75
CA ASP B 64 -8.49 20.52 -14.47
C ASP B 64 -9.21 19.28 -13.96
N GLN B 65 -8.47 18.35 -13.35
CA GLN B 65 -9.07 17.09 -12.94
C GLN B 65 -8.44 16.63 -11.63
N GLU B 66 -9.14 15.71 -10.96
CA GLU B 66 -8.57 14.94 -9.86
C GLU B 66 -8.73 13.46 -10.18
N THR B 67 -7.76 12.67 -9.75
CA THR B 67 -7.77 11.24 -9.97
C THR B 67 -8.20 10.52 -8.69
N TYR B 68 -9.06 9.51 -8.85
CA TYR B 68 -9.52 8.71 -7.73
C TYR B 68 -9.27 7.24 -7.98
N GLY B 69 -9.00 6.50 -6.91
CA GLY B 69 -9.06 5.05 -7.00
C GLY B 69 -10.42 4.61 -7.49
N GLY B 70 -10.42 3.68 -8.45
CA GLY B 70 -11.64 3.36 -9.16
C GLY B 70 -12.71 2.71 -8.29
N ALA B 71 -12.32 1.70 -7.49
CA ALA B 71 -13.29 1.02 -6.64
C ALA B 71 -14.00 1.99 -5.73
N SER B 72 -13.28 3.00 -5.23
CA SER B 72 -13.86 3.88 -4.24
C SER B 72 -14.90 4.84 -4.82
N VAL B 73 -14.93 5.05 -6.13
CA VAL B 73 -15.94 5.91 -6.73
C VAL B 73 -17.04 5.11 -7.42
N CYS B 74 -17.02 3.78 -7.31
CA CYS B 74 -18.04 2.95 -7.91
C CYS B 74 -19.11 2.65 -6.87
N LEU B 75 -20.37 3.02 -7.17
CA LEU B 75 -21.49 2.76 -6.26
C LEU B 75 -21.63 1.27 -5.95
N TYR B 76 -21.48 0.42 -6.98
CA TYR B 76 -21.64 -1.01 -6.80
C TYR B 76 -20.52 -1.60 -5.95
N CYS B 77 -19.27 -1.22 -6.22
CA CYS B 77 -18.18 -1.63 -5.32
C CYS B 77 -18.47 -1.17 -3.90
N ARG B 78 -18.83 0.12 -3.73
CA ARG B 78 -18.91 0.70 -2.40
C ARG B 78 -20.04 0.10 -1.58
N ALA B 79 -21.15 -0.25 -2.22
CA ALA B 79 -22.28 -0.83 -1.53
C ALA B 79 -22.27 -2.35 -1.56
N HIS B 80 -21.22 -2.96 -2.14
CA HIS B 80 -21.10 -4.41 -2.23
C HIS B 80 -22.35 -5.02 -2.85
N ILE B 81 -22.78 -4.46 -3.98
CA ILE B 81 -23.93 -4.98 -4.70
C ILE B 81 -23.48 -5.40 -6.09
N GLU B 82 -24.29 -6.25 -6.72
CA GLU B 82 -23.93 -6.82 -8.01
C GLU B 82 -23.76 -5.71 -9.05
N HIS B 83 -22.71 -5.80 -9.86
CA HIS B 83 -22.48 -4.78 -10.87
C HIS B 83 -23.41 -5.02 -12.05
N PRO B 84 -23.90 -3.95 -12.71
CA PRO B 84 -24.83 -4.14 -13.82
C PRO B 84 -24.17 -4.59 -15.11
N ASP B 85 -22.86 -4.47 -15.23
CA ASP B 85 -22.19 -4.76 -16.49
C ASP B 85 -22.44 -6.19 -16.93
N VAL B 86 -22.71 -6.35 -18.23
CA VAL B 86 -23.04 -7.66 -18.79
C VAL B 86 -21.94 -8.67 -18.51
N SER B 87 -20.69 -8.22 -18.50
CA SER B 87 -19.56 -9.09 -18.21
C SER B 87 -19.41 -9.38 -16.72
N GLY B 88 -20.19 -8.72 -15.87
CA GLY B 88 -20.04 -8.85 -14.43
C GLY B 88 -18.79 -8.20 -13.85
N VAL B 89 -17.90 -7.68 -14.68
CA VAL B 89 -16.66 -7.08 -14.21
C VAL B 89 -16.82 -5.56 -14.18
N CYS B 90 -16.40 -4.95 -13.08
CA CYS B 90 -16.51 -3.52 -12.90
C CYS B 90 -15.61 -2.79 -13.90
N LYS B 91 -16.08 -1.64 -14.38
CA LYS B 91 -15.29 -0.83 -15.31
C LYS B 91 -14.29 0.08 -14.58
N TYR B 92 -14.47 0.31 -13.28
CA TYR B 92 -13.58 1.18 -12.51
C TYR B 92 -12.58 0.43 -11.63
N LYS B 93 -13.00 -0.68 -11.03
CA LYS B 93 -12.20 -1.36 -10.01
C LYS B 93 -10.84 -1.74 -10.57
N GLY B 94 -9.79 -1.44 -9.80
CA GLY B 94 -8.42 -1.72 -10.19
C GLY B 94 -7.83 -0.71 -11.16
N LYS B 95 -8.58 0.33 -11.50
CA LYS B 95 -8.14 1.38 -12.41
C LYS B 95 -8.28 2.72 -11.70
N PHE B 96 -7.88 3.79 -12.38
CA PHE B 96 -7.99 5.15 -11.86
C PHE B 96 -8.97 5.94 -12.71
N VAL B 97 -9.75 6.80 -12.06
CA VAL B 97 -10.82 7.54 -12.68
C VAL B 97 -10.54 9.02 -12.53
N GLN B 98 -10.54 9.74 -13.63
CA GLN B 98 -10.34 11.18 -13.58
C GLN B 98 -11.69 11.87 -13.48
N ILE B 99 -11.81 12.79 -12.55
CA ILE B 99 -13.05 13.54 -12.30
C ILE B 99 -12.78 15.00 -12.60
N PRO B 100 -13.64 15.70 -13.33
CA PRO B 100 -13.46 17.15 -13.49
C PRO B 100 -13.39 17.82 -12.12
N ALA B 101 -12.49 18.81 -12.01
CA ALA B 101 -12.27 19.48 -10.73
C ALA B 101 -13.57 20.02 -10.14
N GLN B 102 -14.45 20.56 -10.98
CA GLN B 102 -15.70 21.15 -10.49
C GLN B 102 -16.71 20.11 -10.05
N CYS B 103 -16.43 18.82 -10.18
CA CYS B 103 -17.37 17.78 -9.79
C CYS B 103 -16.84 16.91 -8.65
N VAL B 104 -15.75 17.32 -7.99
CA VAL B 104 -15.17 16.48 -6.94
C VAL B 104 -16.06 16.36 -5.72
N ARG B 105 -17.10 17.19 -5.60
CA ARG B 105 -18.02 17.08 -4.47
C ARG B 105 -18.78 15.76 -4.48
N ASP B 106 -18.92 15.10 -5.63
CA ASP B 106 -19.67 13.86 -5.73
C ASP B 106 -19.12 13.02 -6.86
N PRO B 107 -17.97 12.38 -6.65
CA PRO B 107 -17.42 11.53 -7.71
C PRO B 107 -18.27 10.30 -8.00
N VAL B 108 -18.96 9.75 -6.98
CA VAL B 108 -19.79 8.59 -7.23
C VAL B 108 -20.98 8.98 -8.11
N GLY B 109 -21.59 10.12 -7.82
CA GLY B 109 -22.69 10.58 -8.66
C GLY B 109 -22.23 10.91 -10.06
N PHE B 110 -21.05 11.53 -10.18
CA PHE B 110 -20.52 11.87 -11.50
C PHE B 110 -20.36 10.64 -12.37
N CYS B 111 -19.77 9.59 -11.82
CA CYS B 111 -19.57 8.36 -12.57
C CYS B 111 -20.89 7.72 -12.93
N LEU B 112 -21.89 7.82 -12.05
CA LEU B 112 -23.22 7.28 -12.34
C LEU B 112 -23.94 8.08 -13.42
N SER B 113 -23.48 9.30 -13.72
CA SER B 113 -24.21 10.23 -14.56
C SER B 113 -23.54 10.48 -15.91
N ASN B 114 -22.39 9.87 -16.16
CA ASN B 114 -21.59 10.21 -17.33
C ASN B 114 -21.10 8.93 -17.98
N THR B 115 -20.58 9.07 -19.21
CA THR B 115 -20.11 7.93 -19.96
C THR B 115 -18.84 8.33 -20.69
N PRO B 116 -17.79 7.51 -20.64
CA PRO B 116 -16.64 7.74 -21.52
C PRO B 116 -16.99 7.40 -22.96
N CYS B 117 -16.51 8.24 -23.87
CA CYS B 117 -16.64 8.01 -25.30
C CYS B 117 -16.05 6.64 -25.65
N ASN B 118 -16.40 6.15 -26.83
CA ASN B 118 -15.91 4.83 -27.25
C ASN B 118 -14.84 4.88 -28.32
N VAL B 119 -14.95 5.81 -29.27
CA VAL B 119 -13.94 5.98 -30.32
C VAL B 119 -12.85 6.91 -29.77
N CYS B 120 -12.88 7.11 -28.46
CA CYS B 120 -12.16 8.17 -27.77
C CYS B 120 -12.33 7.92 -26.28
N GLN B 121 -11.29 8.15 -25.50
CA GLN B 121 -11.34 7.70 -24.12
C GLN B 121 -11.74 8.81 -23.14
N TYR B 122 -12.25 9.92 -23.63
CA TYR B 122 -12.52 11.07 -22.78
C TYR B 122 -14.00 11.11 -22.40
N TRP B 123 -14.27 11.67 -21.21
CA TRP B 123 -15.64 11.89 -20.78
C TRP B 123 -16.40 12.71 -21.82
N ILE B 124 -17.54 12.20 -22.25
CA ILE B 124 -18.42 12.97 -23.13
C ILE B 124 -18.94 14.18 -22.37
N GLY B 125 -18.78 15.35 -22.96
CA GLY B 125 -19.07 16.60 -22.28
C GLY B 125 -17.99 17.08 -21.35
N TYR B 126 -16.98 16.28 -21.04
CA TYR B 126 -15.89 16.73 -20.18
C TYR B 126 -14.56 16.29 -20.77
N GLY B 127 -14.35 16.63 -22.04
CA GLY B 127 -13.09 16.35 -22.68
C GLY B 127 -13.20 15.72 -24.05
N CYS B 128 -14.27 14.95 -24.30
CA CYS B 128 -14.45 14.32 -25.59
C CYS B 128 -14.80 15.38 -26.62
N ASN B 129 -13.90 15.58 -27.59
CA ASN B 129 -14.04 16.58 -28.63
C ASN B 129 -14.34 15.93 -29.98
N CYS B 130 -15.13 14.87 -29.97
CA CYS B 130 -15.42 14.12 -31.19
C CYS B 130 -16.54 14.72 -32.02
N ASP B 131 -17.26 15.71 -31.52
CA ASP B 131 -18.32 16.37 -32.29
C ASP B 131 -17.85 17.73 -32.81
#